data_8RST
#
_entry.id   8RST
#
_cell.length_a   60.843
_cell.length_b   195.549
_cell.length_c   92.441
_cell.angle_alpha   90.000
_cell.angle_beta   90.000
_cell.angle_gamma   90.000
#
_symmetry.space_group_name_H-M   'C 2 2 21'
#
loop_
_entity.id
_entity.type
_entity.pdbx_description
1 polymer Rap3T
2 polymer SRGHTS
3 non-polymer 'Glycerol ethoxylate'
4 non-polymer tetrahydrofuran
5 water water
#
loop_
_entity_poly.entity_id
_entity_poly.type
_entity_poly.pdbx_seq_one_letter_code
_entity_poly.pdbx_strand_id
1 'polypeptide(L)'
;MLEQMISSSKVGVKINEWYKYIRLFSVPDSEILKAEVEEEIRHMKEDHDLLLYYSLMCFRHQLMLDYLEPKTLNEERPKI
SDLLEKIESSQTDLKGILEYYFNFFRGMYEFEQYEYLNAISFYKQAERKLSLVADEIERAEFHYKVAEIYYHMKQTHMSM
HHIVQAIDSYKAHENYTVRVIQCSFVIGLNYLDMDYPEKAIPHFKNALDKAREIDMSRLIGSSLYNLGLCSFAEEAYEKA
SEYFKEGIRVYQDNGYEHSNRILDILLMLTKTTFKMRNHSEGISWCAHGLSLSKNLNDEIMAKMFEFIHALYVDNDNEKL
NSILNYLELKSMLSDVEDLASDAAKYYNEKEDHKVAVAYYEKVLYARKQIQRGDCLYET
;
A
2 'polypeptide(L)' SRGHTS B
#
# COMPACT_ATOMS: atom_id res chain seq x y z
N ILE A 6 4.60 41.21 -9.33
CA ILE A 6 3.85 40.36 -8.43
C ILE A 6 4.66 39.10 -8.12
N SER A 7 5.34 38.58 -9.14
CA SER A 7 6.18 37.40 -9.01
C SER A 7 5.39 36.19 -8.50
N SER A 8 4.13 36.09 -8.94
CA SER A 8 3.32 34.93 -8.59
C SER A 8 3.86 33.66 -9.23
N SER A 9 4.48 33.77 -10.41
CA SER A 9 5.10 32.60 -11.02
C SER A 9 6.36 32.18 -10.27
N LYS A 10 7.00 33.12 -9.56
CA LYS A 10 8.18 32.77 -8.76
C LYS A 10 7.83 31.77 -7.67
N VAL A 11 6.69 31.96 -7.00
CA VAL A 11 6.21 30.95 -6.07
C VAL A 11 5.72 29.72 -6.82
N GLY A 12 5.14 29.92 -8.00
CA GLY A 12 4.63 28.79 -8.76
C GLY A 12 5.73 27.85 -9.24
N VAL A 13 6.86 28.41 -9.67
CA VAL A 13 7.96 27.57 -10.13
C VAL A 13 8.63 26.88 -8.95
N LYS A 14 8.68 27.54 -7.78
CA LYS A 14 9.32 26.92 -6.63
C LYS A 14 8.51 25.75 -6.09
N ILE A 15 7.18 25.87 -6.12
CA ILE A 15 6.35 24.77 -5.64
C ILE A 15 6.46 23.57 -6.58
N ASN A 16 6.57 23.82 -7.89
CA ASN A 16 6.78 22.72 -8.83
C ASN A 16 8.14 22.07 -8.60
N GLU A 17 9.18 22.87 -8.40
CA GLU A 17 10.48 22.33 -8.01
C GLU A 17 10.38 21.54 -6.72
N TRP A 18 9.61 22.05 -5.75
CA TRP A 18 9.37 21.33 -4.50
C TRP A 18 8.77 19.96 -4.77
N TYR A 19 7.77 19.90 -5.66
CA TYR A 19 7.15 18.63 -6.03
C TYR A 19 8.18 17.69 -6.66
N LYS A 20 9.05 18.22 -7.52
CA LYS A 20 10.06 17.40 -8.17
C LYS A 20 10.98 16.74 -7.15
N TYR A 21 11.36 17.46 -6.11
CA TYR A 21 12.23 16.88 -5.08
C TYR A 21 11.47 15.88 -4.22
N ILE A 22 10.17 16.05 -4.05
CA ILE A 22 9.38 15.09 -3.29
C ILE A 22 9.33 13.75 -4.00
N ARG A 23 9.11 13.78 -5.32
CA ARG A 23 9.08 12.54 -6.10
C ARG A 23 10.43 11.85 -6.11
N LEU A 24 11.52 12.63 -6.09
CA LEU A 24 12.87 12.08 -6.01
C LEU A 24 13.22 11.59 -4.61
N PHE A 25 12.31 11.74 -3.64
CA PHE A 25 12.54 11.34 -2.25
C PHE A 25 13.79 12.02 -1.68
N SER A 26 13.98 13.29 -2.04
CA SER A 26 15.10 14.09 -1.55
C SER A 26 14.57 14.99 -0.44
N VAL A 27 14.66 14.51 0.81
CA VAL A 27 14.17 15.25 1.97
C VAL A 27 14.97 16.53 2.19
N PRO A 28 16.31 16.51 2.11
CA PRO A 28 17.04 17.79 2.26
C PRO A 28 16.61 18.85 1.26
N ASP A 29 16.47 18.48 -0.01
CA ASP A 29 16.03 19.44 -1.01
C ASP A 29 14.58 19.85 -0.79
N SER A 30 13.73 18.90 -0.38
CA SER A 30 12.32 19.21 -0.16
C SER A 30 12.15 20.16 1.01
N GLU A 31 12.95 20.00 2.06
CA GLU A 31 12.86 20.89 3.21
C GLU A 31 13.39 22.27 2.88
N ILE A 32 14.43 22.35 2.05
CA ILE A 32 14.97 23.64 1.64
C ILE A 32 13.91 24.44 0.90
N LEU A 33 13.25 23.82 -0.07
CA LEU A 33 12.28 24.53 -0.89
C LEU A 33 10.98 24.79 -0.14
N LYS A 34 10.61 23.93 0.80
CA LYS A 34 9.48 24.23 1.67
C LYS A 34 9.73 25.54 2.42
N ALA A 35 10.95 25.73 2.91
CA ALA A 35 11.30 26.97 3.60
C ALA A 35 11.34 28.15 2.63
N GLU A 36 11.79 27.92 1.40
CA GLU A 36 11.82 28.99 0.41
C GLU A 36 10.42 29.46 0.06
N VAL A 37 9.50 28.52 -0.16
CA VAL A 37 8.12 28.88 -0.49
C VAL A 37 7.46 29.61 0.67
N GLU A 38 7.69 29.15 1.90
CA GLU A 38 7.04 29.76 3.05
C GLU A 38 7.55 31.17 3.28
N GLU A 39 8.77 31.47 2.83
CA GLU A 39 9.26 32.85 2.90
C GLU A 39 8.71 33.69 1.77
N GLU A 40 8.50 33.12 0.58
CA GLU A 40 7.91 33.87 -0.51
C GLU A 40 6.42 34.09 -0.29
N ILE A 41 5.73 33.09 0.28
CA ILE A 41 4.31 33.21 0.58
C ILE A 41 4.07 34.36 1.56
N ARG A 42 5.02 34.60 2.46
CA ARG A 42 4.85 35.67 3.45
C ARG A 42 4.66 37.03 2.79
N HIS A 43 5.46 37.32 1.77
CA HIS A 43 5.39 38.61 1.07
C HIS A 43 4.72 38.42 -0.29
N MET A 44 3.45 38.06 -0.26
CA MET A 44 2.69 37.80 -1.47
C MET A 44 1.23 38.20 -1.26
N LYS A 45 0.59 38.62 -2.34
CA LYS A 45 -0.83 38.96 -2.30
C LYS A 45 -1.66 37.70 -2.03
N GLU A 46 -2.88 37.93 -1.55
CA GLU A 46 -3.79 36.84 -1.17
C GLU A 46 -4.27 36.13 -2.44
N ASP A 47 -3.45 35.21 -2.93
CA ASP A 47 -3.77 34.39 -4.08
C ASP A 47 -4.31 33.05 -3.56
N HIS A 48 -5.62 32.86 -3.66
CA HIS A 48 -6.24 31.66 -3.10
C HIS A 48 -5.79 30.40 -3.80
N ASP A 49 -5.60 30.46 -5.12
CA ASP A 49 -5.12 29.29 -5.85
C ASP A 49 -3.67 28.98 -5.50
N LEU A 50 -2.84 30.00 -5.35
CA LEU A 50 -1.45 29.76 -4.96
C LEU A 50 -1.37 29.23 -3.53
N LEU A 51 -2.26 29.70 -2.65
CA LEU A 51 -2.29 29.17 -1.29
C LEU A 51 -2.80 27.74 -1.27
N LEU A 52 -3.79 27.43 -2.10
CA LEU A 52 -4.27 26.05 -2.20
C LEU A 52 -3.21 25.16 -2.82
N TYR A 53 -2.52 25.66 -3.85
CA TYR A 53 -1.38 24.92 -4.41
C TYR A 53 -0.33 24.67 -3.34
N TYR A 54 -0.06 25.68 -2.50
CA TYR A 54 0.91 25.50 -1.42
C TYR A 54 0.42 24.47 -0.40
N SER A 55 -0.85 24.54 -0.03
CA SER A 55 -1.40 23.60 0.95
C SER A 55 -1.40 22.17 0.43
N LEU A 56 -1.61 21.99 -0.88
CA LEU A 56 -1.58 20.64 -1.44
C LEU A 56 -0.18 20.06 -1.38
N MET A 57 0.83 20.87 -1.69
CA MET A 57 2.20 20.37 -1.68
C MET A 57 2.68 20.10 -0.27
N CYS A 58 2.25 20.91 0.70
CA CYS A 58 2.51 20.59 2.10
C CYS A 58 1.93 19.24 2.46
N PHE A 59 0.71 18.95 2.00
CA PHE A 59 0.10 17.65 2.23
C PHE A 59 0.93 16.55 1.57
N ARG A 60 1.36 16.78 0.32
CA ARG A 60 2.21 15.81 -0.36
CA ARG A 60 2.20 15.80 -0.35
C ARG A 60 3.56 15.68 0.33
N HIS A 61 4.12 16.80 0.80
CA HIS A 61 5.38 16.75 1.53
C HIS A 61 5.25 15.90 2.79
N GLN A 62 4.10 16.00 3.46
CA GLN A 62 3.89 15.22 4.69
C GLN A 62 3.74 13.74 4.37
N LEU A 63 3.11 13.41 3.25
CA LEU A 63 2.96 12.01 2.87
C LEU A 63 4.32 11.35 2.65
N MET A 64 5.29 12.12 2.15
CA MET A 64 6.64 11.59 1.96
C MET A 64 7.32 11.36 3.30
N LEU A 65 7.20 12.34 4.22
CA LEU A 65 7.87 12.24 5.51
C LEU A 65 7.34 11.07 6.32
N ASP A 66 6.02 10.94 6.43
CA ASP A 66 5.42 9.84 7.17
C ASP A 66 5.82 8.49 6.59
N TYR A 67 6.00 8.43 5.27
CA TYR A 67 6.44 7.19 4.64
C TYR A 67 7.85 6.82 5.07
N LEU A 68 8.70 7.83 5.28
CA LEU A 68 10.08 7.60 5.71
C LEU A 68 10.22 7.56 7.23
N GLU A 69 9.40 8.32 7.95
CA GLU A 69 9.39 8.32 9.41
C GLU A 69 7.96 8.14 9.89
N PRO A 70 7.57 6.92 10.27
CA PRO A 70 6.19 6.69 10.72
C PRO A 70 5.86 7.49 11.97
N LYS A 71 4.57 7.77 12.15
CA LYS A 71 4.10 8.51 13.30
C LYS A 71 4.30 7.69 14.57
N THR A 72 4.82 8.33 15.61
CA THR A 72 5.14 7.66 16.87
C THR A 72 3.90 7.03 17.50
N PRO A 78 -1.60 14.91 14.97
CA PRO A 78 -1.40 14.48 13.59
C PRO A 78 -1.41 15.64 12.61
N LYS A 79 -0.23 16.04 12.14
CA LYS A 79 -0.14 17.17 11.22
C LYS A 79 -0.88 16.90 9.91
N ILE A 80 -1.02 15.62 9.54
CA ILE A 80 -1.75 15.28 8.31
C ILE A 80 -3.18 15.78 8.40
N SER A 81 -3.82 15.65 9.56
CA SER A 81 -5.22 16.02 9.70
C SER A 81 -5.42 17.52 9.55
N ASP A 82 -4.51 18.32 10.11
CA ASP A 82 -4.61 19.77 9.99
C ASP A 82 -4.39 20.21 8.54
N LEU A 83 -3.43 19.60 7.86
CA LEU A 83 -3.20 19.91 6.45
C LEU A 83 -4.40 19.49 5.60
N LEU A 84 -5.06 18.39 5.97
CA LEU A 84 -6.23 17.95 5.24
C LEU A 84 -7.41 18.90 5.43
N GLU A 85 -7.54 19.45 6.64
CA GLU A 85 -8.63 20.38 6.91
C GLU A 85 -8.48 21.66 6.12
N LYS A 86 -7.25 22.20 6.02
CA LYS A 86 -7.03 23.42 5.26
C LYS A 86 -7.23 23.18 3.77
N ILE A 87 -6.83 22.00 3.29
CA ILE A 87 -6.99 21.69 1.87
C ILE A 87 -8.47 21.57 1.50
N GLU A 88 -9.26 20.95 2.37
CA GLU A 88 -10.70 20.78 2.13
C GLU A 88 -11.52 21.98 2.60
N SER A 89 -10.92 23.18 2.64
CA SER A 89 -11.65 24.40 2.95
C SER A 89 -12.08 25.16 1.71
N SER A 90 -11.39 24.99 0.58
CA SER A 90 -11.76 25.63 -0.67
C SER A 90 -11.64 24.59 -1.79
N GLN A 91 -12.78 24.05 -2.21
CA GLN A 91 -12.81 23.05 -3.27
C GLN A 91 -13.66 23.45 -4.46
N THR A 92 -14.32 24.60 -4.41
CA THR A 92 -15.10 25.07 -5.54
C THR A 92 -14.24 25.96 -6.44
N ASP A 93 -14.69 26.11 -7.69
CA ASP A 93 -14.01 26.93 -8.69
C ASP A 93 -12.60 26.40 -8.96
N LEU A 94 -12.45 25.09 -8.93
CA LEU A 94 -11.18 24.45 -9.26
C LEU A 94 -11.11 24.14 -10.74
N LYS A 95 -9.90 24.22 -11.30
CA LYS A 95 -9.69 24.02 -12.73
C LYS A 95 -8.23 23.62 -12.96
N GLY A 96 -7.97 23.13 -14.17
CA GLY A 96 -6.62 22.88 -14.65
C GLY A 96 -5.85 21.88 -13.82
N ILE A 97 -4.53 22.03 -13.84
CA ILE A 97 -3.64 21.08 -13.19
C ILE A 97 -3.81 21.10 -11.68
N LEU A 98 -4.28 22.23 -11.13
CA LEU A 98 -4.51 22.30 -9.69
C LEU A 98 -5.63 21.34 -9.27
N GLU A 99 -6.67 21.23 -10.11
CA GLU A 99 -7.74 20.28 -9.84
C GLU A 99 -7.23 18.85 -9.92
N TYR A 100 -6.30 18.58 -10.83
CA TYR A 100 -5.67 17.26 -10.89
C TYR A 100 -4.93 16.95 -9.60
N TYR A 101 -4.07 17.86 -9.16
CA TYR A 101 -3.33 17.67 -7.92
C TYR A 101 -4.26 17.43 -6.75
N PHE A 102 -5.37 18.18 -6.69
CA PHE A 102 -6.31 18.03 -5.58
C PHE A 102 -6.88 16.63 -5.54
N ASN A 103 -7.43 16.14 -6.66
CA ASN A 103 -8.03 14.81 -6.68
C ASN A 103 -6.98 13.73 -6.45
N PHE A 104 -5.80 13.87 -7.07
CA PHE A 104 -4.78 12.84 -6.95
C PHE A 104 -4.27 12.72 -5.52
N PHE A 105 -4.00 13.87 -4.89
CA PHE A 105 -3.48 13.84 -3.52
C PHE A 105 -4.52 13.33 -2.53
N ARG A 106 -5.79 13.72 -2.72
CA ARG A 106 -6.86 13.19 -1.88
C ARG A 106 -6.98 11.68 -2.04
N GLY A 107 -6.79 11.18 -3.26
CA GLY A 107 -6.82 9.74 -3.48
C GLY A 107 -5.68 9.03 -2.80
N MET A 108 -4.49 9.65 -2.79
CA MET A 108 -3.37 9.08 -2.06
C MET A 108 -3.66 8.99 -0.58
N TYR A 109 -4.29 10.02 -0.01
CA TYR A 109 -4.59 10.02 1.42
C TYR A 109 -5.65 8.98 1.76
N GLU A 110 -6.71 8.90 0.95
CA GLU A 110 -7.78 7.93 1.22
C GLU A 110 -7.26 6.51 1.16
N PHE A 111 -6.29 6.24 0.29
CA PHE A 111 -5.69 4.91 0.24
C PHE A 111 -4.96 4.59 1.53
N GLU A 112 -4.28 5.58 2.11
CA GLU A 112 -3.58 5.34 3.37
C GLU A 112 -4.55 5.06 4.51
N GLN A 113 -5.78 5.55 4.41
CA GLN A 113 -6.80 5.35 5.43
C GLN A 113 -7.66 4.12 5.16
N TYR A 114 -7.20 3.20 4.31
CA TYR A 114 -7.96 2.01 3.89
C TYR A 114 -9.29 2.38 3.24
N GLU A 115 -9.45 3.64 2.81
CA GLU A 115 -10.69 4.09 2.17
C GLU A 115 -10.54 3.89 0.66
N TYR A 116 -10.79 2.66 0.23
CA TYR A 116 -10.47 2.27 -1.14
C TYR A 116 -11.49 2.84 -2.13
N LEU A 117 -12.78 2.77 -1.80
CA LEU A 117 -13.79 3.28 -2.73
C LEU A 117 -13.67 4.78 -2.93
N ASN A 118 -13.33 5.51 -1.86
CA ASN A 118 -13.10 6.95 -2.00
C ASN A 118 -11.83 7.23 -2.80
N ALA A 119 -10.78 6.43 -2.57
CA ALA A 119 -9.52 6.64 -3.27
C ALA A 119 -9.68 6.37 -4.76
N ILE A 120 -10.40 5.30 -5.12
CA ILE A 120 -10.67 5.01 -6.53
C ILE A 120 -11.41 6.17 -7.17
N SER A 121 -12.43 6.70 -6.48
CA SER A 121 -13.22 7.79 -7.02
C SER A 121 -12.37 9.04 -7.24
N PHE A 122 -11.50 9.36 -6.28
CA PHE A 122 -10.59 10.50 -6.45
C PHE A 122 -9.63 10.25 -7.60
N TYR A 123 -9.05 9.05 -7.65
CA TYR A 123 -8.10 8.71 -8.73
C TYR A 123 -8.75 8.84 -10.09
N LYS A 124 -10.01 8.39 -10.21
CA LYS A 124 -10.69 8.46 -11.50
C LYS A 124 -10.99 9.89 -11.92
N GLN A 125 -11.26 10.77 -10.95
CA GLN A 125 -11.43 12.18 -11.27
C GLN A 125 -10.13 12.81 -11.74
N ALA A 126 -9.02 12.47 -11.08
CA ALA A 126 -7.72 12.95 -11.53
C ALA A 126 -7.34 12.35 -12.88
N GLU A 127 -7.80 11.14 -13.16
CA GLU A 127 -7.49 10.49 -14.44
C GLU A 127 -8.13 11.22 -15.60
N ARG A 128 -9.28 11.88 -15.37
CA ARG A 128 -9.97 12.57 -16.45
C ARG A 128 -9.15 13.73 -17.01
N LYS A 129 -8.28 14.31 -16.18
CA LYS A 129 -7.49 15.48 -16.57
C LYS A 129 -6.03 15.12 -16.82
N LEU A 130 -5.77 13.89 -17.28
CA LEU A 130 -4.40 13.43 -17.44
C LEU A 130 -3.72 14.08 -18.63
N SER A 131 -4.48 14.54 -19.63
CA SER A 131 -3.90 15.22 -20.78
C SER A 131 -3.35 16.60 -20.43
N LEU A 132 -3.66 17.11 -19.23
CA LEU A 132 -3.09 18.36 -18.74
C LEU A 132 -1.72 18.16 -18.10
N VAL A 133 -1.26 16.91 -17.98
CA VAL A 133 0.01 16.59 -17.35
C VAL A 133 1.03 16.38 -18.46
N ALA A 134 1.87 17.39 -18.70
CA ALA A 134 2.91 17.27 -19.72
C ALA A 134 4.10 16.44 -19.25
N ASP A 135 4.41 16.50 -17.95
CA ASP A 135 5.56 15.76 -17.42
C ASP A 135 5.26 14.27 -17.45
N GLU A 136 6.14 13.50 -18.09
CA GLU A 136 5.98 12.04 -18.11
C GLU A 136 6.21 11.44 -16.74
N ILE A 137 7.13 12.02 -15.97
CA ILE A 137 7.40 11.51 -14.62
C ILE A 137 6.18 11.69 -13.73
N GLU A 138 5.49 12.81 -13.86
CA GLU A 138 4.28 13.03 -13.07
C GLU A 138 3.17 12.05 -13.47
N ARG A 139 3.07 11.74 -14.77
CA ARG A 139 2.12 10.72 -15.20
C ARG A 139 2.52 9.34 -14.70
N ALA A 140 3.83 9.09 -14.55
CA ALA A 140 4.26 7.81 -14.00
C ALA A 140 3.85 7.67 -12.54
N GLU A 141 3.92 8.77 -11.78
CA GLU A 141 3.42 8.78 -10.41
C GLU A 141 1.96 8.36 -10.36
N PHE A 142 1.15 8.89 -11.27
CA PHE A 142 -0.26 8.54 -11.31
C PHE A 142 -0.44 7.08 -11.69
N HIS A 143 0.24 6.63 -12.75
CA HIS A 143 0.06 5.26 -13.22
C HIS A 143 0.49 4.24 -12.17
N TYR A 144 1.54 4.56 -11.41
CA TYR A 144 1.96 3.66 -10.33
C TYR A 144 0.91 3.64 -9.22
N LYS A 145 0.42 4.81 -8.82
CA LYS A 145 -0.53 4.87 -7.70
C LYS A 145 -1.87 4.25 -8.07
N VAL A 146 -2.31 4.41 -9.31
CA VAL A 146 -3.57 3.78 -9.72
C VAL A 146 -3.37 2.28 -9.89
N ALA A 147 -2.18 1.84 -10.33
CA ALA A 147 -1.91 0.42 -10.42
C ALA A 147 -1.81 -0.22 -9.04
N GLU A 148 -1.34 0.55 -8.05
CA GLU A 148 -1.23 0.02 -6.70
C GLU A 148 -2.59 -0.34 -6.14
N ILE A 149 -3.55 0.59 -6.22
CA ILE A 149 -4.86 0.33 -5.64
C ILE A 149 -5.60 -0.73 -6.43
N TYR A 150 -5.35 -0.85 -7.73
CA TYR A 150 -5.99 -1.90 -8.52
C TYR A 150 -5.47 -3.28 -8.12
N TYR A 151 -4.19 -3.37 -7.74
CA TYR A 151 -3.66 -4.61 -7.21
C TYR A 151 -4.35 -4.98 -5.90
N HIS A 152 -4.47 -4.02 -4.99
CA HIS A 152 -5.14 -4.28 -3.72
C HIS A 152 -6.62 -4.61 -3.92
N MET A 153 -7.19 -4.22 -5.06
CA MET A 153 -8.53 -4.66 -5.44
C MET A 153 -8.49 -5.97 -6.24
N LYS A 154 -7.31 -6.52 -6.46
CA LYS A 154 -7.12 -7.73 -7.27
C LYS A 154 -7.71 -7.55 -8.67
N GLN A 155 -7.66 -6.32 -9.18
CA GLN A 155 -8.01 -6.02 -10.57
C GLN A 155 -6.72 -6.12 -11.37
N THR A 156 -6.34 -7.35 -11.69
CA THR A 156 -4.98 -7.63 -12.18
C THR A 156 -4.74 -7.02 -13.55
N HIS A 157 -5.71 -7.16 -14.46
CA HIS A 157 -5.51 -6.64 -15.82
C HIS A 157 -5.37 -5.13 -15.82
N MET A 158 -6.17 -4.44 -15.01
CA MET A 158 -6.07 -2.98 -14.94
C MET A 158 -4.79 -2.55 -14.23
N SER A 159 -4.38 -3.29 -13.20
CA SER A 159 -3.13 -2.96 -12.52
C SER A 159 -1.93 -3.16 -13.43
N MET A 160 -1.94 -4.24 -14.22
CA MET A 160 -0.87 -4.46 -15.18
C MET A 160 -0.88 -3.41 -16.28
N HIS A 161 -2.07 -2.97 -16.68
CA HIS A 161 -2.18 -1.96 -17.74
C HIS A 161 -1.51 -0.66 -17.33
N HIS A 162 -1.59 -0.30 -16.06
CA HIS A 162 -1.02 0.96 -15.58
C HIS A 162 0.41 0.83 -15.10
N ILE A 163 0.79 -0.32 -14.54
CA ILE A 163 2.13 -0.44 -13.96
C ILE A 163 3.19 -0.49 -15.05
N VAL A 164 2.86 -1.01 -16.24
CA VAL A 164 3.83 -1.04 -17.33
C VAL A 164 4.13 0.37 -17.82
N GLN A 165 3.10 1.22 -17.88
CA GLN A 165 3.32 2.61 -18.29
C GLN A 165 4.18 3.35 -17.27
N ALA A 166 4.05 3.00 -16.00
CA ALA A 166 4.81 3.70 -14.96
C ALA A 166 6.27 3.26 -14.96
N ILE A 167 6.52 1.95 -14.99
CA ILE A 167 7.88 1.46 -14.85
C ILE A 167 8.73 1.84 -16.05
N ASP A 168 8.12 1.98 -17.23
CA ASP A 168 8.89 2.36 -18.41
C ASP A 168 9.33 3.83 -18.33
N SER A 169 8.44 4.70 -17.88
CA SER A 169 8.79 6.11 -17.72
C SER A 169 9.84 6.30 -16.63
N TYR A 170 9.71 5.56 -15.53
CA TYR A 170 10.68 5.64 -14.46
C TYR A 170 12.05 5.13 -14.90
N LYS A 171 12.07 3.97 -15.56
CA LYS A 171 13.32 3.41 -16.06
C LYS A 171 13.93 4.27 -17.16
N ALA A 172 13.14 5.09 -17.83
CA ALA A 172 13.70 6.01 -18.81
C ALA A 172 14.55 7.08 -18.12
N HIS A 173 14.06 7.64 -17.03
CA HIS A 173 14.83 8.59 -16.24
C HIS A 173 15.71 7.83 -15.25
N GLU A 174 16.40 8.58 -14.39
CA GLU A 174 17.25 8.01 -13.35
C GLU A 174 16.91 8.67 -12.02
N ASN A 175 17.45 8.09 -10.94
CA ASN A 175 17.34 8.54 -9.56
C ASN A 175 15.93 8.38 -8.99
N TYR A 176 14.96 7.91 -9.78
CA TYR A 176 13.66 7.50 -9.25
C TYR A 176 13.67 6.04 -8.82
N THR A 177 14.79 5.59 -8.25
CA THR A 177 14.97 4.17 -7.96
C THR A 177 13.97 3.67 -6.93
N VAL A 178 13.60 4.50 -5.97
CA VAL A 178 12.60 4.10 -4.98
C VAL A 178 11.31 3.71 -5.67
N ARG A 179 10.84 4.56 -6.59
CA ARG A 179 9.65 4.22 -7.37
C ARG A 179 9.89 3.00 -8.26
N VAL A 180 11.13 2.78 -8.69
CA VAL A 180 11.43 1.60 -9.51
C VAL A 180 11.28 0.33 -8.69
N ILE A 181 11.73 0.36 -7.42
CA ILE A 181 11.52 -0.78 -6.54
C ILE A 181 10.03 -1.01 -6.33
N GLN A 182 9.28 0.06 -6.07
CA GLN A 182 7.85 -0.07 -5.80
C GLN A 182 7.10 -0.61 -7.01
N CYS A 183 7.52 -0.22 -8.21
CA CYS A 183 6.88 -0.75 -9.41
C CYS A 183 7.21 -2.23 -9.60
N SER A 184 8.43 -2.63 -9.24
CA SER A 184 8.79 -4.05 -9.28
C SER A 184 7.92 -4.85 -8.31
N PHE A 185 7.59 -4.26 -7.16
CA PHE A 185 6.65 -4.89 -6.26
C PHE A 185 5.32 -5.15 -6.95
N VAL A 186 4.74 -4.11 -7.56
CA VAL A 186 3.40 -4.22 -8.15
C VAL A 186 3.38 -5.25 -9.27
N ILE A 187 4.39 -5.21 -10.15
CA ILE A 187 4.44 -6.12 -11.29
C ILE A 187 4.49 -7.56 -10.82
N GLY A 188 5.45 -7.88 -9.95
CA GLY A 188 5.59 -9.24 -9.48
C GLY A 188 4.37 -9.71 -8.71
N LEU A 189 3.80 -8.84 -7.88
CA LEU A 189 2.63 -9.21 -7.11
C LEU A 189 1.43 -9.49 -8.02
N ASN A 190 1.37 -8.84 -9.17
CA ASN A 190 0.34 -9.17 -10.16
C ASN A 190 0.58 -10.55 -10.74
N TYR A 191 1.83 -10.87 -11.09
CA TYR A 191 2.15 -12.21 -11.56
C TYR A 191 1.87 -13.25 -10.49
N LEU A 192 2.03 -12.88 -9.21
CA LEU A 192 1.70 -13.81 -8.13
C LEU A 192 0.21 -14.07 -8.08
N ASP A 193 -0.61 -13.04 -8.25
CA ASP A 193 -2.06 -13.21 -8.24
C ASP A 193 -2.52 -14.08 -9.40
N MET A 194 -1.76 -14.10 -10.50
CA MET A 194 -2.04 -14.97 -11.63
C MET A 194 -1.41 -16.35 -11.48
N ASP A 195 -0.96 -16.69 -10.27
CA ASP A 195 -0.34 -17.98 -9.98
C ASP A 195 0.89 -18.21 -10.86
N TYR A 196 1.76 -17.19 -10.92
CA TYR A 196 3.04 -17.27 -11.61
C TYR A 196 4.17 -16.88 -10.66
N PRO A 197 4.39 -17.66 -9.59
CA PRO A 197 5.49 -17.31 -8.67
C PRO A 197 6.85 -17.33 -9.33
N GLU A 198 7.05 -18.19 -10.34
CA GLU A 198 8.32 -18.21 -11.06
C GLU A 198 8.55 -16.92 -11.83
N LYS A 199 7.48 -16.26 -12.25
CA LYS A 199 7.56 -15.00 -12.98
C LYS A 199 7.56 -13.79 -12.07
N ALA A 200 7.43 -13.99 -10.75
CA ALA A 200 7.42 -12.91 -9.77
C ALA A 200 8.73 -12.79 -8.99
N ILE A 201 9.45 -13.90 -8.77
CA ILE A 201 10.68 -13.83 -7.99
C ILE A 201 11.74 -12.97 -8.68
N PRO A 202 11.92 -13.01 -10.00
CA PRO A 202 12.84 -12.05 -10.64
C PRO A 202 12.60 -10.60 -10.25
N HIS A 203 11.35 -10.13 -10.35
CA HIS A 203 11.06 -8.73 -10.05
C HIS A 203 11.31 -8.39 -8.58
N PHE A 204 11.07 -9.35 -7.68
CA PHE A 204 11.29 -9.09 -6.26
C PHE A 204 12.76 -9.12 -5.91
N LYS A 205 13.52 -10.06 -6.49
CA LYS A 205 14.96 -10.05 -6.31
C LYS A 205 15.60 -8.82 -6.96
N ASN A 206 15.00 -8.34 -8.05
CA ASN A 206 15.45 -7.08 -8.64
C ASN A 206 15.30 -5.93 -7.65
N ALA A 207 14.13 -5.84 -7.01
CA ALA A 207 13.89 -4.78 -6.05
C ALA A 207 14.77 -4.94 -4.81
N LEU A 208 14.95 -6.18 -4.34
CA LEU A 208 15.77 -6.40 -3.16
C LEU A 208 17.21 -5.94 -3.39
N ASP A 209 17.74 -6.18 -4.59
CA ASP A 209 19.09 -5.74 -4.89
C ASP A 209 19.21 -4.22 -4.85
N LYS A 210 18.32 -3.53 -5.58
CA LYS A 210 18.38 -2.07 -5.63
C LYS A 210 18.01 -1.44 -4.30
N ALA A 211 17.21 -2.14 -3.49
CA ALA A 211 16.90 -1.62 -2.16
C ALA A 211 18.11 -1.69 -1.25
N ARG A 212 18.93 -2.73 -1.40
CA ARG A 212 20.15 -2.85 -0.59
C ARG A 212 21.21 -1.83 -1.03
N GLU A 213 21.17 -1.40 -2.29
CA GLU A 213 22.12 -0.39 -2.76
C GLU A 213 21.87 0.94 -2.08
N ILE A 214 20.63 1.42 -2.11
CA ILE A 214 20.28 2.68 -1.46
C ILE A 214 20.09 2.56 0.03
N ASP A 215 20.25 1.36 0.58
CA ASP A 215 20.16 1.11 2.03
C ASP A 215 18.83 1.60 2.60
N MET A 216 17.74 1.17 1.95
CA MET A 216 16.39 1.52 2.37
C MET A 216 15.83 0.31 3.13
N SER A 217 15.81 0.41 4.45
CA SER A 217 15.53 -0.74 5.30
C SER A 217 14.14 -1.31 5.04
N ARG A 218 13.13 -0.44 5.03
CA ARG A 218 11.76 -0.91 4.84
C ARG A 218 11.54 -1.50 3.45
N LEU A 219 12.23 -0.97 2.45
CA LEU A 219 12.13 -1.54 1.11
C LEU A 219 12.79 -2.91 1.05
N ILE A 220 13.90 -3.07 1.76
CA ILE A 220 14.53 -4.39 1.88
C ILE A 220 13.58 -5.37 2.56
N GLY A 221 12.91 -4.93 3.62
CA GLY A 221 11.98 -5.80 4.30
C GLY A 221 10.76 -6.11 3.48
N SER A 222 10.22 -5.13 2.76
CA SER A 222 9.09 -5.36 1.88
C SER A 222 9.46 -6.32 0.75
N SER A 223 10.70 -6.27 0.29
CA SER A 223 11.18 -7.23 -0.69
C SER A 223 11.22 -8.63 -0.10
N LEU A 224 11.67 -8.75 1.16
CA LEU A 224 11.67 -10.04 1.83
C LEU A 224 10.25 -10.54 2.06
N TYR A 225 9.33 -9.63 2.38
CA TYR A 225 7.94 -10.01 2.58
C TYR A 225 7.32 -10.53 1.29
N ASN A 226 7.52 -9.81 0.19
CA ASN A 226 6.97 -10.26 -1.10
C ASN A 226 7.63 -11.53 -1.57
N LEU A 227 8.92 -11.73 -1.26
CA LEU A 227 9.57 -12.99 -1.59
C LEU A 227 8.99 -14.13 -0.77
N GLY A 228 8.69 -13.89 0.50
CA GLY A 228 8.08 -14.93 1.32
C GLY A 228 6.68 -15.29 0.87
N LEU A 229 5.97 -14.33 0.27
CA LEU A 229 4.65 -14.64 -0.29
C LEU A 229 4.76 -15.60 -1.46
N CYS A 230 5.87 -15.54 -2.22
CA CYS A 230 6.06 -16.49 -3.31
C CYS A 230 6.30 -17.89 -2.77
N SER A 231 7.19 -18.02 -1.78
CA SER A 231 7.44 -19.32 -1.17
C SER A 231 6.19 -19.87 -0.50
N PHE A 232 5.37 -18.99 0.06
CA PHE A 232 4.09 -19.43 0.63
C PHE A 232 3.18 -19.99 -0.45
N ALA A 233 3.16 -19.34 -1.63
CA ALA A 233 2.35 -19.84 -2.73
C ALA A 233 2.85 -21.20 -3.20
N GLU A 234 4.17 -21.40 -3.22
CA GLU A 234 4.76 -22.69 -3.55
C GLU A 234 4.69 -23.67 -2.39
N GLU A 235 4.11 -23.27 -1.26
CA GLU A 235 4.01 -24.12 -0.06
C GLU A 235 5.39 -24.50 0.47
N ALA A 236 6.39 -23.66 0.19
CA ALA A 236 7.70 -23.77 0.82
C ALA A 236 7.67 -22.99 2.14
N TYR A 237 6.92 -23.56 3.10
CA TYR A 237 6.60 -22.85 4.33
C TYR A 237 7.84 -22.54 5.15
N GLU A 238 8.85 -23.43 5.12
CA GLU A 238 10.08 -23.16 5.85
C GLU A 238 10.81 -21.96 5.27
N LYS A 239 10.97 -21.93 3.94
CA LYS A 239 11.62 -20.81 3.29
C LYS A 239 10.76 -19.54 3.39
N ALA A 240 9.44 -19.70 3.36
CA ALA A 240 8.55 -18.55 3.49
C ALA A 240 8.67 -17.92 4.87
N SER A 241 8.70 -18.74 5.91
CA SER A 241 8.83 -18.22 7.27
C SER A 241 10.18 -17.53 7.48
N GLU A 242 11.24 -18.03 6.82
CA GLU A 242 12.54 -17.38 6.97
C GLU A 242 12.56 -16.00 6.31
N TYR A 243 11.93 -15.88 5.14
CA TYR A 243 11.78 -14.56 4.52
C TYR A 243 10.99 -13.63 5.42
N PHE A 244 9.92 -14.13 6.04
CA PHE A 244 9.10 -13.31 6.92
C PHE A 244 9.88 -12.90 8.16
N LYS A 245 10.63 -13.83 8.74
CA LYS A 245 11.42 -13.54 9.94
C LYS A 245 12.40 -12.39 9.70
N GLU A 246 13.18 -12.48 8.61
CA GLU A 246 14.17 -11.45 8.33
C GLU A 246 13.50 -10.11 8.00
N GLY A 247 12.29 -10.16 7.41
CA GLY A 247 11.58 -8.93 7.14
C GLY A 247 11.13 -8.23 8.41
N ILE A 248 10.69 -9.00 9.41
CA ILE A 248 10.35 -8.43 10.70
C ILE A 248 11.59 -7.91 11.40
N ARG A 249 12.73 -8.57 11.18
CA ARG A 249 13.96 -8.17 11.84
C ARG A 249 14.45 -6.82 11.32
N VAL A 250 14.44 -6.64 10.00
CA VAL A 250 14.95 -5.40 9.42
C VAL A 250 14.00 -4.24 9.70
N TYR A 251 12.69 -4.51 9.78
CA TYR A 251 11.74 -3.46 10.13
C TYR A 251 11.96 -2.99 11.56
N GLN A 252 12.16 -3.93 12.49
CA GLN A 252 12.31 -3.57 13.90
C GLN A 252 13.67 -2.96 14.19
N ASP A 253 14.71 -3.39 13.47
CA ASP A 253 16.08 -2.93 13.73
C ASP A 253 16.40 -1.58 13.09
N ASN A 254 15.41 -0.92 12.47
CA ASN A 254 15.66 0.34 11.77
C ASN A 254 14.49 1.29 11.92
N GLY A 255 13.83 1.27 13.08
CA GLY A 255 12.80 2.24 13.39
C GLY A 255 11.53 2.12 12.57
N TYR A 256 11.12 0.90 12.25
CA TYR A 256 9.86 0.67 11.54
C TYR A 256 8.96 -0.32 12.27
N GLU A 257 9.26 -0.64 13.53
CA GLU A 257 8.42 -1.54 14.30
C GLU A 257 7.06 -0.96 14.63
N HIS A 258 6.84 0.33 14.36
CA HIS A 258 5.55 0.98 14.59
C HIS A 258 4.86 1.35 13.29
N SER A 259 5.24 0.71 12.18
CA SER A 259 4.56 0.89 10.91
C SER A 259 3.44 -0.13 10.79
N ASN A 260 2.29 0.32 10.26
CA ASN A 260 1.16 -0.58 10.06
C ASN A 260 1.49 -1.71 9.09
N ARG A 261 2.51 -1.54 8.25
CA ARG A 261 2.81 -2.55 7.23
C ARG A 261 3.58 -3.74 7.78
N ILE A 262 4.19 -3.62 8.96
CA ILE A 262 4.83 -4.78 9.58
C ILE A 262 3.78 -5.81 10.00
N LEU A 263 2.53 -5.37 10.16
CA LEU A 263 1.47 -6.30 10.53
C LEU A 263 1.17 -7.29 9.41
N ASP A 264 1.34 -6.87 8.15
CA ASP A 264 1.18 -7.79 7.04
C ASP A 264 2.17 -8.95 7.14
N ILE A 265 3.42 -8.65 7.49
CA ILE A 265 4.43 -9.70 7.62
C ILE A 265 4.14 -10.59 8.82
N LEU A 266 3.72 -9.98 9.93
CA LEU A 266 3.36 -10.78 11.11
C LEU A 266 2.19 -11.70 10.82
N LEU A 267 1.24 -11.24 10.00
CA LEU A 267 0.07 -12.05 9.70
C LEU A 267 0.44 -13.30 8.90
N MET A 268 1.32 -13.16 7.92
CA MET A 268 1.71 -14.30 7.11
C MET A 268 2.61 -15.26 7.89
N LEU A 269 3.50 -14.72 8.73
CA LEU A 269 4.36 -15.59 9.54
C LEU A 269 3.53 -16.38 10.54
N THR A 270 2.54 -15.74 11.15
CA THR A 270 1.60 -16.47 12.00
C THR A 270 0.87 -17.54 11.22
N LYS A 271 0.41 -17.18 10.02
CA LYS A 271 -0.31 -18.15 9.18
C LYS A 271 0.62 -19.28 8.73
N THR A 272 1.89 -18.96 8.46
CA THR A 272 2.80 -19.96 7.94
C THR A 272 3.19 -20.96 9.03
N THR A 273 3.62 -20.46 10.20
CA THR A 273 4.03 -21.36 11.27
C THR A 273 2.87 -22.21 11.76
N PHE A 274 1.64 -21.70 11.68
CA PHE A 274 0.48 -22.52 11.99
C PHE A 274 0.36 -23.68 11.02
N LYS A 275 0.52 -23.41 9.72
CA LYS A 275 0.45 -24.45 8.71
C LYS A 275 1.62 -25.42 8.81
N MET A 276 2.73 -25.02 9.41
CA MET A 276 3.85 -25.92 9.66
C MET A 276 3.62 -26.83 10.85
N ARG A 277 2.41 -26.84 11.41
CA ARG A 277 2.05 -27.62 12.60
C ARG A 277 2.80 -27.18 13.85
N ASN A 278 3.56 -26.09 13.79
CA ASN A 278 4.21 -25.52 14.96
C ASN A 278 3.18 -24.67 15.71
N HIS A 279 2.27 -25.36 16.41
CA HIS A 279 1.21 -24.68 17.13
C HIS A 279 1.77 -23.71 18.15
N SER A 280 2.66 -24.20 19.03
CA SER A 280 3.18 -23.39 20.12
C SER A 280 3.79 -22.08 19.63
N GLU A 281 4.78 -22.17 18.73
CA GLU A 281 5.41 -20.97 18.20
C GLU A 281 4.40 -20.08 17.48
N GLY A 282 3.36 -20.68 16.89
CA GLY A 282 2.41 -19.90 16.13
C GLY A 282 1.53 -19.01 16.99
N ILE A 283 1.14 -19.49 18.18
CA ILE A 283 0.26 -18.69 19.01
C ILE A 283 0.99 -17.45 19.53
N SER A 284 2.25 -17.62 19.95
CA SER A 284 3.03 -16.48 20.39
C SER A 284 3.30 -15.48 19.26
N TRP A 285 3.23 -15.92 18.01
CA TRP A 285 3.32 -14.99 16.90
C TRP A 285 2.01 -14.24 16.70
N CYS A 286 0.89 -14.99 16.71
CA CYS A 286 -0.42 -14.35 16.64
C CYS A 286 -0.65 -13.42 17.82
N ALA A 287 -0.06 -13.76 18.97
CA ALA A 287 -0.13 -12.88 20.13
C ALA A 287 0.49 -11.52 19.84
N HIS A 288 1.78 -11.53 19.46
CA HIS A 288 2.50 -10.29 19.22
C HIS A 288 1.84 -9.47 18.12
N GLY A 289 1.25 -10.13 17.13
CA GLY A 289 0.63 -9.40 16.03
C GLY A 289 -0.68 -8.73 16.41
N LEU A 290 -1.50 -9.42 17.21
CA LEU A 290 -2.80 -8.87 17.58
C LEU A 290 -2.67 -7.77 18.63
N SER A 291 -1.69 -7.88 19.54
CA SER A 291 -1.47 -6.80 20.50
C SER A 291 -0.91 -5.57 19.81
N LEU A 292 -0.04 -5.76 18.82
CA LEU A 292 0.52 -4.63 18.10
C LEU A 292 -0.52 -3.97 17.21
N SER A 293 -1.46 -4.75 16.66
CA SER A 293 -2.55 -4.16 15.90
C SER A 293 -3.42 -3.29 16.79
N LYS A 294 -3.66 -3.72 18.02
CA LYS A 294 -4.44 -2.90 18.95
C LYS A 294 -3.68 -1.63 19.34
N ASN A 295 -2.35 -1.72 19.44
CA ASN A 295 -1.57 -0.55 19.82
C ASN A 295 -1.50 0.47 18.69
N LEU A 296 -1.46 0.01 17.44
CA LEU A 296 -1.43 0.90 16.28
C LEU A 296 -2.82 1.35 15.84
N ASN A 297 -3.87 0.91 16.54
CA ASN A 297 -5.26 1.30 16.24
C ASN A 297 -5.65 0.93 14.81
N ASP A 298 -5.11 -0.18 14.30
CA ASP A 298 -5.45 -0.69 12.97
C ASP A 298 -6.50 -1.78 13.17
N GLU A 299 -7.77 -1.39 13.06
CA GLU A 299 -8.87 -2.32 13.26
C GLU A 299 -8.89 -3.41 12.20
N ILE A 300 -8.47 -3.08 10.97
CA ILE A 300 -8.55 -4.05 9.88
C ILE A 300 -7.54 -5.17 10.07
N MET A 301 -6.28 -4.81 10.37
CA MET A 301 -5.26 -5.82 10.63
C MET A 301 -5.58 -6.62 11.89
N ALA A 302 -6.18 -5.99 12.89
CA ALA A 302 -6.56 -6.72 14.09
C ALA A 302 -7.62 -7.77 13.77
N LYS A 303 -8.58 -7.43 12.90
CA LYS A 303 -9.61 -8.38 12.52
C LYS A 303 -9.02 -9.57 11.78
N MET A 304 -7.94 -9.36 11.03
CA MET A 304 -7.31 -10.47 10.31
C MET A 304 -6.62 -11.43 11.28
N PHE A 305 -5.98 -10.89 12.32
CA PHE A 305 -5.41 -11.75 13.35
C PHE A 305 -6.48 -12.48 14.13
N GLU A 306 -7.65 -11.86 14.29
CA GLU A 306 -8.77 -12.55 14.92
C GLU A 306 -9.21 -13.74 14.08
N PHE A 307 -9.18 -13.60 12.75
CA PHE A 307 -9.58 -14.70 11.88
C PHE A 307 -8.62 -15.88 12.02
N ILE A 308 -7.32 -15.61 12.09
CA ILE A 308 -6.35 -16.69 12.22
C ILE A 308 -6.53 -17.41 13.55
N HIS A 309 -6.77 -16.64 14.62
CA HIS A 309 -6.95 -17.26 15.94
C HIS A 309 -8.24 -18.07 15.99
N ALA A 310 -9.32 -17.54 15.43
CA ALA A 310 -10.59 -18.27 15.44
C ALA A 310 -10.52 -19.53 14.59
N LEU A 311 -9.65 -19.54 13.58
CA LEU A 311 -9.57 -20.69 12.68
C LEU A 311 -8.76 -21.82 13.29
N TYR A 312 -7.45 -21.63 13.41
CA TYR A 312 -6.54 -22.69 13.81
C TYR A 312 -6.60 -23.03 15.30
N VAL A 313 -7.19 -22.16 16.13
CA VAL A 313 -7.18 -22.34 17.57
C VAL A 313 -8.58 -22.60 18.13
N ASP A 314 -9.59 -21.90 17.61
CA ASP A 314 -10.92 -21.92 18.21
C ASP A 314 -11.96 -22.65 17.37
N ASN A 315 -11.77 -22.74 16.05
CA ASN A 315 -12.79 -23.28 15.14
C ASN A 315 -14.11 -22.51 15.29
N ASP A 316 -14.01 -21.21 15.56
CA ASP A 316 -15.18 -20.37 15.74
C ASP A 316 -15.62 -19.89 14.36
N ASN A 317 -16.46 -20.71 13.71
CA ASN A 317 -16.84 -20.41 12.33
C ASN A 317 -17.76 -19.20 12.23
N GLU A 318 -18.52 -18.89 13.29
CA GLU A 318 -19.37 -17.71 13.27
C GLU A 318 -18.55 -16.44 13.30
N LYS A 319 -17.48 -16.42 14.08
CA LYS A 319 -16.57 -15.28 14.06
C LYS A 319 -15.83 -15.19 12.73
N LEU A 320 -15.58 -16.33 12.09
CA LEU A 320 -14.98 -16.32 10.75
C LEU A 320 -15.92 -15.67 9.74
N ASN A 321 -17.20 -16.07 9.76
CA ASN A 321 -18.16 -15.52 8.81
C ASN A 321 -18.34 -14.02 9.00
N SER A 322 -18.41 -13.56 10.25
CA SER A 322 -18.61 -12.15 10.51
C SER A 322 -17.39 -11.33 10.09
N ILE A 323 -16.19 -11.89 10.25
CA ILE A 323 -14.99 -11.19 9.82
C ILE A 323 -14.93 -11.10 8.30
N LEU A 324 -15.29 -12.18 7.61
CA LEU A 324 -15.32 -12.15 6.15
C LEU A 324 -16.37 -11.16 5.66
N ASN A 325 -17.52 -11.09 6.34
CA ASN A 325 -18.53 -10.10 6.00
C ASN A 325 -18.03 -8.69 6.29
N TYR A 326 -17.28 -8.52 7.38
CA TYR A 326 -16.69 -7.22 7.70
C TYR A 326 -15.73 -6.78 6.61
N LEU A 327 -14.87 -7.70 6.15
CA LEU A 327 -13.89 -7.36 5.13
C LEU A 327 -14.55 -7.07 3.79
N GLU A 328 -15.68 -7.71 3.50
CA GLU A 328 -16.38 -7.43 2.25
C GLU A 328 -16.95 -6.02 2.24
N LEU A 329 -17.54 -5.59 3.37
CA LEU A 329 -17.98 -4.21 3.48
C LEU A 329 -16.79 -3.26 3.46
N LYS A 330 -15.61 -3.72 3.86
CA LYS A 330 -14.38 -2.96 3.75
C LYS A 330 -13.84 -2.91 2.33
N SER A 331 -14.53 -3.53 1.37
CA SER A 331 -14.09 -3.61 -0.03
C SER A 331 -12.72 -4.26 -0.15
N MET A 332 -12.44 -5.24 0.72
CA MET A 332 -11.18 -5.98 0.64
C MET A 332 -11.45 -7.43 0.27
N LEU A 333 -12.00 -7.64 -0.94
CA LEU A 333 -12.43 -8.96 -1.35
C LEU A 333 -11.27 -9.92 -1.52
N SER A 334 -10.06 -9.40 -1.79
CA SER A 334 -8.90 -10.28 -1.94
C SER A 334 -8.54 -10.93 -0.61
N ASP A 335 -8.63 -10.19 0.49
CA ASP A 335 -8.41 -10.77 1.80
C ASP A 335 -9.55 -11.70 2.20
N VAL A 336 -10.75 -11.44 1.71
CA VAL A 336 -11.86 -12.36 1.88
C VAL A 336 -11.54 -13.70 1.22
N GLU A 337 -10.96 -13.65 0.02
CA GLU A 337 -10.62 -14.88 -0.69
C GLU A 337 -9.46 -15.61 -0.01
N ASP A 338 -8.41 -14.87 0.36
CA ASP A 338 -7.25 -15.50 0.98
C ASP A 338 -7.60 -16.15 2.32
N LEU A 339 -8.42 -15.48 3.13
CA LEU A 339 -8.76 -16.02 4.44
C LEU A 339 -9.74 -17.18 4.34
N ALA A 340 -10.74 -17.07 3.46
CA ALA A 340 -11.65 -18.19 3.25
C ALA A 340 -10.93 -19.39 2.65
N SER A 341 -9.90 -19.13 1.85
CA SER A 341 -9.06 -20.22 1.33
C SER A 341 -8.24 -20.86 2.44
N ASP A 342 -7.80 -20.07 3.42
CA ASP A 342 -7.10 -20.63 4.56
C ASP A 342 -7.99 -21.58 5.35
N ALA A 343 -9.25 -21.19 5.57
CA ALA A 343 -10.16 -22.01 6.34
C ALA A 343 -10.57 -23.26 5.58
N ALA A 344 -10.76 -23.14 4.27
CA ALA A 344 -11.19 -24.29 3.48
C ALA A 344 -10.13 -25.39 3.46
N LYS A 345 -8.87 -25.01 3.30
CA LYS A 345 -7.80 -26.01 3.29
C LYS A 345 -7.63 -26.66 4.66
N TYR A 346 -7.67 -25.85 5.73
CA TYR A 346 -7.49 -26.38 7.07
C TYR A 346 -8.58 -27.37 7.43
N TYR A 347 -9.84 -27.03 7.13
CA TYR A 347 -10.95 -27.91 7.46
C TYR A 347 -10.97 -29.14 6.57
N ASN A 348 -10.60 -28.99 5.29
CA ASN A 348 -10.50 -30.14 4.40
C ASN A 348 -9.39 -31.07 4.85
N GLU A 349 -8.29 -30.51 5.38
CA GLU A 349 -7.24 -31.35 5.93
C GLU A 349 -7.71 -32.09 7.17
N LYS A 350 -8.52 -31.43 8.00
CA LYS A 350 -9.10 -32.04 9.19
C LYS A 350 -10.28 -32.94 8.86
N GLU A 351 -10.51 -33.23 7.58
CA GLU A 351 -11.59 -34.11 7.12
C GLU A 351 -12.97 -33.60 7.55
N ASP A 352 -13.09 -32.30 7.83
CA ASP A 352 -14.38 -31.69 8.12
C ASP A 352 -14.94 -31.10 6.82
N HIS A 353 -15.32 -31.99 5.91
CA HIS A 353 -15.66 -31.58 4.55
C HIS A 353 -16.98 -30.83 4.50
N LYS A 354 -17.86 -31.04 5.48
CA LYS A 354 -19.12 -30.31 5.53
C LYS A 354 -18.89 -28.81 5.60
N VAL A 355 -18.17 -28.36 6.63
CA VAL A 355 -17.88 -26.93 6.76
C VAL A 355 -16.80 -26.47 5.81
N ALA A 356 -15.97 -27.40 5.30
CA ALA A 356 -14.95 -27.03 4.32
C ALA A 356 -15.59 -26.60 3.01
N VAL A 357 -16.73 -27.21 2.64
CA VAL A 357 -17.46 -26.80 1.45
C VAL A 357 -17.89 -25.34 1.57
N ALA A 358 -18.46 -24.98 2.73
CA ALA A 358 -19.02 -23.65 2.90
C ALA A 358 -17.97 -22.55 2.71
N TYR A 359 -16.72 -22.82 3.08
CA TYR A 359 -15.68 -21.81 2.89
C TYR A 359 -15.12 -21.84 1.48
N TYR A 360 -15.16 -23.00 0.81
CA TYR A 360 -14.83 -23.03 -0.60
C TYR A 360 -15.86 -22.26 -1.41
N GLU A 361 -17.13 -22.31 -1.00
CA GLU A 361 -18.16 -21.50 -1.64
C GLU A 361 -17.88 -20.01 -1.46
N LYS A 362 -17.42 -19.62 -0.27
CA LYS A 362 -17.10 -18.22 -0.02
C LYS A 362 -15.92 -17.76 -0.87
N VAL A 363 -14.96 -18.66 -1.12
CA VAL A 363 -13.88 -18.35 -2.04
C VAL A 363 -14.43 -18.10 -3.44
N LEU A 364 -15.34 -18.96 -3.88
CA LEU A 364 -15.97 -18.78 -5.20
C LEU A 364 -16.76 -17.48 -5.24
N TYR A 365 -17.44 -17.15 -4.14
CA TYR A 365 -18.23 -15.92 -4.09
C TYR A 365 -17.32 -14.69 -4.21
N ALA A 366 -16.22 -14.68 -3.46
CA ALA A 366 -15.32 -13.53 -3.50
C ALA A 366 -14.69 -13.37 -4.88
N ARG A 367 -14.32 -14.48 -5.52
CA ARG A 367 -13.71 -14.39 -6.84
C ARG A 367 -14.68 -13.82 -7.87
N LYS A 368 -15.96 -14.19 -7.77
CA LYS A 368 -16.95 -13.64 -8.68
C LYS A 368 -17.15 -12.14 -8.44
N GLN A 369 -17.15 -11.73 -7.16
CA GLN A 369 -17.27 -10.31 -6.85
C GLN A 369 -16.06 -9.54 -7.35
N ILE A 370 -14.86 -10.09 -7.18
CA ILE A 370 -13.67 -9.48 -7.74
C ILE A 370 -13.79 -9.37 -9.25
N GLN A 371 -14.37 -10.39 -9.89
CA GLN A 371 -14.49 -10.37 -11.34
C GLN A 371 -15.48 -9.33 -11.83
N ARG A 372 -16.45 -8.94 -10.98
CA ARG A 372 -17.47 -8.00 -11.41
C ARG A 372 -16.91 -6.63 -11.71
N GLY A 373 -15.87 -6.21 -10.98
CA GLY A 373 -15.23 -4.93 -11.20
C GLY A 373 -16.14 -3.72 -11.05
N ASP A 374 -16.37 -3.00 -12.14
CA ASP A 374 -17.22 -1.82 -12.14
C ASP A 374 -18.66 -2.18 -12.53
N SER B 1 -2.90 -12.51 2.04
CA SER B 1 -2.75 -11.10 2.31
C SER B 1 -2.07 -10.39 1.14
N ARG B 2 -2.44 -9.13 0.93
CA ARG B 2 -1.84 -8.35 -0.15
C ARG B 2 -0.36 -8.14 0.12
N GLY B 3 0.43 -8.20 -0.94
CA GLY B 3 1.84 -7.90 -0.84
C GLY B 3 2.09 -6.42 -0.62
N HIS B 4 3.33 -6.10 -0.30
CA HIS B 4 3.73 -4.72 -0.05
C HIS B 4 3.98 -4.03 -1.38
N THR B 5 3.09 -3.10 -1.74
CA THR B 5 3.32 -2.18 -2.84
C THR B 5 4.05 -0.92 -2.41
N SER B 6 4.38 -0.81 -1.13
CA SER B 6 5.10 0.33 -0.56
C SER B 6 4.37 1.64 -0.82
#